data_5EKO
#
_entry.id   5EKO
#
_cell.length_a   61.263
_cell.length_b   69.669
_cell.length_c   93.068
_cell.angle_alpha   90.00
_cell.angle_beta   90.00
_cell.angle_gamma   90.00
#
_symmetry.space_group_name_H-M   'P 21 21 21'
#
loop_
_entity.id
_entity.type
_entity.pdbx_description
1 polymer 'Mitogen-activated protein kinase 13'
2 non-polymer 3-(4-methyl-1H-imidazol-1-yl)-N-[4-(pyridin-4-yloxy)phenyl]benzamide
3 water water
#
_entity_poly.entity_id   1
_entity_poly.type   'polypeptide(L)'
_entity_poly.pdbx_seq_one_letter_code
;MGSSHHHHHHSSGLVPRGSMSLIRKKGFYKQDVNKTAWELPKTYVSPTHVGSGAYGSVCSAIDKRSGEKVAIKKLSRPFQ
SEIFAKRAYRELLLLKHMQHENVIGLLDVFTPASSLRNFYDFYLVMPFMQTDLQKIMGMEFSEEKIQYLVYQMLKGLKYI
HSAGVVHRDLKPGNLAVNEDCELKILDFGLARHADAEMTGYVVTRWYRAPEVILSWMHYNQTVDIWSVGCIMAEMLTGKT
LFKGKDYLDQLTQILKVTGVPGTEFVQKLNDKAAKSYIQSLPQTPRKDFTQLFPRASPQAADLLEKMLELDVDKRLTAAQ
ALTHPFFEPFRDPEEETEAQQPFDDSLEHEKLTVDEWKQHIYKEIVNFSPI
;
_entity_poly.pdbx_strand_id   A
#
loop_
_chem_comp.id
_chem_comp.type
_chem_comp.name
_chem_comp.formula
N17 non-polymer 3-(4-methyl-1H-imidazol-1-yl)-N-[4-(pyridin-4-yloxy)phenyl]benzamide 'C22 H18 N4 O2'
#
# COMPACT_ATOMS: atom_id res chain seq x y z
N SER A 21 28.68 1.37 30.48
CA SER A 21 27.25 1.55 30.26
C SER A 21 26.97 2.99 29.85
N LEU A 22 25.86 3.20 29.13
CA LEU A 22 25.51 4.51 28.61
C LEU A 22 24.00 4.71 28.73
N ILE A 23 23.59 5.97 28.62
CA ILE A 23 22.17 6.28 28.54
C ILE A 23 21.66 6.10 27.12
N ARG A 24 22.45 6.54 26.14
CA ARG A 24 22.18 6.31 24.73
C ARG A 24 23.50 6.32 23.99
N LYS A 25 23.52 5.68 22.83
CA LYS A 25 24.74 5.60 22.04
C LYS A 25 25.28 6.99 21.75
N LYS A 26 26.60 7.08 21.58
CA LYS A 26 27.25 8.35 21.33
C LYS A 26 26.77 8.96 20.01
N GLY A 27 26.85 10.28 19.93
CA GLY A 27 26.38 10.96 18.73
C GLY A 27 24.88 10.96 18.57
N PHE A 28 24.15 10.83 19.68
CA PHE A 28 22.70 10.93 19.70
C PHE A 28 22.31 12.12 20.57
N TYR A 29 21.30 12.86 20.14
CA TYR A 29 20.73 13.92 20.96
C TYR A 29 19.24 13.66 21.18
N LYS A 30 18.73 14.34 22.20
CA LYS A 30 17.37 14.19 22.66
C LYS A 30 16.63 15.49 22.35
N GLN A 31 15.50 15.37 21.66
CA GLN A 31 14.73 16.57 21.31
C GLN A 31 13.25 16.21 21.27
N ASP A 32 12.42 17.15 21.72
CA ASP A 32 10.99 16.97 21.66
C ASP A 32 10.48 17.24 20.25
N VAL A 33 9.70 16.30 19.73
CA VAL A 33 9.00 16.45 18.46
C VAL A 33 7.53 16.17 18.75
N ASN A 34 6.67 17.14 18.42
CA ASN A 34 5.23 17.04 18.64
C ASN A 34 4.92 16.64 20.09
N LYS A 35 5.71 17.19 21.01
CA LYS A 35 5.53 17.00 22.46
C LYS A 35 5.76 15.56 22.90
N THR A 36 6.60 14.82 22.17
CA THR A 36 7.12 13.55 22.65
C THR A 36 8.62 13.53 22.47
N ALA A 37 9.31 12.74 23.30
CA ALA A 37 10.76 12.74 23.31
C ALA A 37 11.29 11.83 22.20
N TRP A 38 12.13 12.38 21.33
CA TRP A 38 12.81 11.66 20.27
C TRP A 38 14.31 11.64 20.55
N GLU A 39 14.96 10.55 20.15
CA GLU A 39 16.42 10.40 20.25
C GLU A 39 16.96 10.13 18.85
N LEU A 40 17.79 11.05 18.35
CA LEU A 40 18.22 10.99 16.96
C LEU A 40 19.74 11.06 16.85
N PRO A 41 20.31 10.40 15.84
CA PRO A 41 21.72 10.61 15.52
C PRO A 41 21.97 12.07 15.13
N LYS A 42 23.22 12.50 15.31
CA LYS A 42 23.56 13.89 15.04
C LYS A 42 23.36 14.26 13.58
N THR A 43 23.56 13.32 12.66
CA THR A 43 23.47 13.63 11.24
C THR A 43 22.07 14.06 10.81
N TYR A 44 21.05 13.74 11.61
CA TYR A 44 19.68 14.13 11.30
C TYR A 44 19.31 15.33 12.16
N VAL A 45 19.02 16.46 11.50
CA VAL A 45 18.77 17.73 12.17
C VAL A 45 17.46 18.32 11.67
N SER A 46 16.95 19.29 12.43
CA SER A 46 15.70 20.01 12.18
C SER A 46 14.49 19.09 12.09
N PRO A 47 14.23 18.27 13.11
CA PRO A 47 13.06 17.37 13.03
C PRO A 47 11.77 18.16 13.14
N THR A 48 10.78 17.76 12.34
CA THR A 48 9.52 18.47 12.28
C THR A 48 8.37 17.46 12.24
N HIS A 49 7.43 17.60 13.16
CA HIS A 49 6.27 16.71 13.21
C HIS A 49 5.63 16.58 11.84
N VAL A 50 5.30 15.35 11.48
CA VAL A 50 4.55 15.06 10.26
C VAL A 50 3.24 14.36 10.58
N GLY A 51 3.28 13.29 11.38
CA GLY A 51 2.05 12.60 11.69
C GLY A 51 2.19 11.67 12.87
N SER A 52 1.07 11.40 13.53
CA SER A 52 0.99 10.41 14.58
C SER A 52 0.12 9.26 14.08
N GLY A 53 0.58 8.03 14.29
CA GLY A 53 -0.11 6.87 13.76
C GLY A 53 -0.52 5.86 14.81
N ALA A 54 -0.92 4.67 14.37
CA ALA A 54 -1.44 3.67 15.30
C ALA A 54 -0.33 2.93 16.04
N TYR A 55 0.86 2.82 15.44
CA TYR A 55 1.97 2.11 16.08
C TYR A 55 3.25 2.92 16.12
N GLY A 56 3.22 4.17 15.68
CA GLY A 56 4.40 5.01 15.71
C GLY A 56 4.04 6.41 15.29
N SER A 57 5.08 7.23 15.10
CA SER A 57 4.88 8.59 14.64
C SER A 57 6.02 8.97 13.71
N VAL A 58 5.80 9.99 12.89
CA VAL A 58 6.70 10.37 11.81
C VAL A 58 7.03 11.84 11.93
N CYS A 59 8.32 12.15 11.74
CA CYS A 59 8.79 13.51 11.55
C CYS A 59 9.58 13.57 10.25
N SER A 60 9.78 14.79 9.74
CA SER A 60 10.73 15.03 8.67
C SER A 60 12.01 15.59 9.26
N ALA A 61 13.12 15.39 8.56
CA ALA A 61 14.42 15.85 9.03
C ALA A 61 15.33 16.04 7.85
N ILE A 62 16.46 16.72 8.08
CA ILE A 62 17.46 16.96 7.05
C ILE A 62 18.69 16.12 7.35
N ASP A 63 19.15 15.39 6.34
CA ASP A 63 20.43 14.68 6.42
C ASP A 63 21.51 15.67 6.00
N LYS A 64 22.19 16.26 6.99
CA LYS A 64 23.16 17.31 6.70
C LYS A 64 24.33 16.81 5.85
N ARG A 65 24.53 15.49 5.77
CA ARG A 65 25.54 14.95 4.86
C ARG A 65 25.25 15.29 3.41
N SER A 66 24.00 15.61 3.08
CA SER A 66 23.64 15.97 1.71
C SER A 66 22.51 16.98 1.63
N GLY A 67 21.94 17.42 2.76
CA GLY A 67 20.83 18.35 2.73
C GLY A 67 19.53 17.76 2.21
N GLU A 68 19.43 16.45 2.07
CA GLU A 68 18.21 15.84 1.59
C GLU A 68 17.20 15.66 2.71
N LYS A 69 15.93 15.86 2.39
CA LYS A 69 14.86 15.72 3.35
C LYS A 69 14.43 14.27 3.43
N VAL A 70 14.37 13.74 4.66
CA VAL A 70 13.99 12.36 4.90
C VAL A 70 12.84 12.32 5.90
N ALA A 71 12.10 11.21 5.86
CA ALA A 71 11.10 10.92 6.88
C ALA A 71 11.67 9.91 7.86
N ILE A 72 11.39 10.12 9.14
CA ILE A 72 11.82 9.24 10.21
C ILE A 72 10.59 8.82 10.98
N LYS A 73 10.36 7.51 11.04
CA LYS A 73 9.27 6.92 11.81
C LYS A 73 9.84 6.33 13.09
N LYS A 74 9.38 6.86 14.22
CA LYS A 74 9.66 6.31 15.54
C LYS A 74 8.58 5.29 15.89
N LEU A 75 8.99 4.04 16.06
CA LEU A 75 8.07 3.01 16.50
C LEU A 75 7.71 3.23 17.96
N SER A 76 6.42 3.10 18.26
CA SER A 76 5.90 3.37 19.60
C SER A 76 5.74 2.05 20.35
N ARG A 77 6.54 1.86 21.40
CA ARG A 77 6.55 0.68 22.24
C ARG A 77 6.37 -0.61 21.43
N PRO A 78 7.29 -0.92 20.52
CA PRO A 78 7.13 -2.14 19.70
C PRO A 78 7.31 -3.42 20.49
N PHE A 79 7.88 -3.35 21.70
CA PHE A 79 8.23 -4.52 22.47
C PHE A 79 7.29 -4.75 23.66
N GLN A 80 6.09 -4.19 23.59
CA GLN A 80 5.09 -4.36 24.65
C GLN A 80 4.41 -5.71 24.59
N SER A 81 4.45 -6.37 23.43
CA SER A 81 3.83 -7.68 23.26
C SER A 81 4.45 -8.34 22.04
N GLU A 82 4.20 -9.63 21.89
CA GLU A 82 4.73 -10.36 20.76
C GLU A 82 4.08 -9.88 19.45
N ILE A 83 2.79 -9.53 19.50
CA ILE A 83 2.12 -9.00 18.32
C ILE A 83 2.81 -7.73 17.84
N PHE A 84 3.03 -6.79 18.77
CA PHE A 84 3.67 -5.53 18.42
C PHE A 84 5.07 -5.76 17.83
N ALA A 85 5.84 -6.66 18.43
CA ALA A 85 7.21 -6.89 17.98
C ALA A 85 7.23 -7.55 16.60
N LYS A 86 6.38 -8.55 16.38
CA LYS A 86 6.29 -9.15 15.05
C LYS A 86 5.89 -8.12 14.00
N ARG A 87 4.92 -7.27 14.32
CA ARG A 87 4.52 -6.23 13.38
C ARG A 87 5.70 -5.32 13.02
N ALA A 88 6.39 -4.81 14.04
CA ALA A 88 7.53 -3.92 13.78
C ALA A 88 8.60 -4.60 12.94
N TYR A 89 8.93 -5.84 13.29
CA TYR A 89 9.91 -6.62 12.53
C TYR A 89 9.48 -6.79 11.07
N ARG A 90 8.19 -7.06 10.85
CA ARG A 90 7.69 -7.27 9.50
C ARG A 90 7.82 -5.99 8.67
N GLU A 91 7.41 -4.85 9.23
CA GLU A 91 7.58 -3.59 8.51
C GLU A 91 9.03 -3.36 8.15
N LEU A 92 9.94 -3.60 9.10
CA LEU A 92 11.36 -3.44 8.83
C LEU A 92 11.81 -4.30 7.67
N LEU A 93 11.45 -5.59 7.68
CA LEU A 93 11.92 -6.51 6.65
C LEU A 93 11.33 -6.19 5.29
N LEU A 94 10.04 -5.85 5.24
CA LEU A 94 9.41 -5.54 3.97
C LEU A 94 10.01 -4.28 3.36
N LEU A 95 10.22 -3.24 4.18
CA LEU A 95 10.86 -2.03 3.67
C LEU A 95 12.28 -2.34 3.20
N LYS A 96 13.00 -3.19 3.92
CA LYS A 96 14.36 -3.51 3.53
C LYS A 96 14.41 -4.27 2.21
N HIS A 97 13.41 -5.13 1.96
CA HIS A 97 13.51 -6.07 0.85
C HIS A 97 13.30 -5.39 -0.50
N MET A 98 12.35 -4.47 -0.58
CA MET A 98 11.96 -3.91 -1.88
C MET A 98 12.92 -2.81 -2.32
N GLN A 99 13.28 -2.85 -3.60
CA GLN A 99 14.20 -1.88 -4.23
C GLN A 99 13.54 -1.41 -5.53
N HIS A 100 12.59 -0.49 -5.40
CA HIS A 100 11.85 -0.01 -6.57
C HIS A 100 11.51 1.45 -6.34
N GLU A 101 11.57 2.24 -7.41
CA GLU A 101 11.38 3.68 -7.27
C GLU A 101 9.94 4.05 -6.92
N ASN A 102 8.97 3.18 -7.20
CA ASN A 102 7.58 3.42 -6.88
C ASN A 102 7.10 2.64 -5.66
N VAL A 103 8.03 2.09 -4.88
CA VAL A 103 7.73 1.37 -3.65
C VAL A 103 8.59 1.99 -2.56
N ILE A 104 7.96 2.42 -1.47
CA ILE A 104 8.73 3.09 -0.41
C ILE A 104 9.70 2.09 0.21
N GLY A 105 10.91 2.56 0.47
CA GLY A 105 11.96 1.68 0.96
C GLY A 105 12.72 2.27 2.11
N LEU A 106 13.80 1.59 2.51
CA LEU A 106 14.51 1.91 3.74
C LEU A 106 15.82 2.61 3.39
N LEU A 107 15.94 3.87 3.79
CA LEU A 107 17.23 4.55 3.71
C LEU A 107 18.13 4.16 4.87
N ASP A 108 17.56 4.04 6.06
CA ASP A 108 18.38 3.78 7.24
C ASP A 108 17.49 3.22 8.34
N VAL A 109 18.12 2.64 9.36
CA VAL A 109 17.39 2.14 10.52
C VAL A 109 18.31 2.20 11.72
N PHE A 110 17.83 2.73 12.85
CA PHE A 110 18.70 2.88 14.00
C PHE A 110 17.90 2.77 15.29
N THR A 111 18.63 2.66 16.39
CA THR A 111 18.06 2.69 17.71
C THR A 111 19.05 3.43 18.59
N PRO A 112 18.57 4.23 19.56
CA PRO A 112 19.50 4.85 20.50
C PRO A 112 20.00 3.90 21.56
N ALA A 113 19.41 2.70 21.65
CA ALA A 113 19.77 1.73 22.66
C ALA A 113 21.22 1.31 22.51
N SER A 114 21.87 1.06 23.65
CA SER A 114 23.20 0.50 23.69
C SER A 114 23.22 -0.96 24.13
N SER A 115 22.07 -1.51 24.52
CA SER A 115 21.99 -2.89 24.98
C SER A 115 20.56 -3.38 24.77
N LEU A 116 20.36 -4.68 24.98
CA LEU A 116 19.01 -5.24 24.91
C LEU A 116 18.15 -4.74 26.07
N ARG A 117 18.74 -4.58 27.26
CA ARG A 117 17.98 -4.01 28.37
C ARG A 117 17.49 -2.61 28.04
N ASN A 118 18.33 -1.82 27.38
CA ASN A 118 18.02 -0.45 26.98
C ASN A 118 17.15 -0.37 25.74
N PHE A 119 16.90 -1.50 25.06
CA PHE A 119 16.24 -1.55 23.76
C PHE A 119 14.74 -1.40 23.95
N TYR A 120 14.20 -0.21 23.67
CA TYR A 120 12.78 0.06 23.80
C TYR A 120 12.08 0.36 22.49
N ASP A 121 12.80 0.85 21.49
CA ASP A 121 12.19 1.27 20.24
C ASP A 121 13.27 1.32 19.17
N PHE A 122 12.85 1.65 17.96
CA PHE A 122 13.81 1.95 16.89
C PHE A 122 13.13 2.89 15.91
N TYR A 123 13.93 3.39 14.97
CA TYR A 123 13.53 4.40 14.01
C TYR A 123 13.86 3.92 12.61
N LEU A 124 12.92 4.15 11.70
CA LEU A 124 13.08 3.88 10.28
C LEU A 124 13.26 5.19 9.54
N VAL A 125 14.22 5.23 8.62
CA VAL A 125 14.50 6.41 7.80
C VAL A 125 14.20 6.06 6.35
N MET A 126 13.38 6.89 5.72
CA MET A 126 12.79 6.67 4.41
C MET A 126 12.85 7.97 3.64
N PRO A 127 12.69 7.93 2.31
CA PRO A 127 12.62 9.19 1.56
C PRO A 127 11.34 9.94 1.91
N PHE A 128 11.46 11.26 2.00
CA PHE A 128 10.32 12.08 2.39
C PHE A 128 9.35 12.24 1.22
N MET A 129 8.07 11.99 1.49
CA MET A 129 7.01 12.19 0.51
C MET A 129 6.10 13.30 1.01
N GLN A 130 5.90 14.33 0.18
CA GLN A 130 5.17 15.52 0.59
C GLN A 130 3.75 15.18 1.03
N THR A 131 3.02 14.44 0.22
CA THR A 131 1.60 14.23 0.49
C THR A 131 1.20 12.86 -0.06
N ASP A 132 -0.10 12.67 -0.30
CA ASP A 132 -0.61 11.42 -0.80
C ASP A 132 -1.85 11.68 -1.63
N LEU A 133 -2.33 10.64 -2.32
CA LEU A 133 -3.43 10.82 -3.26
C LEU A 133 -4.73 11.20 -2.55
N GLN A 134 -4.94 10.70 -1.33
CA GLN A 134 -6.16 11.04 -0.61
C GLN A 134 -6.27 12.54 -0.37
N LYS A 135 -5.14 13.20 -0.12
CA LYS A 135 -5.18 14.62 0.22
C LYS A 135 -5.42 15.49 -1.01
N ILE A 136 -4.99 15.03 -2.20
CA ILE A 136 -5.14 15.80 -3.42
C ILE A 136 -6.27 15.26 -4.31
N MET A 137 -7.04 14.28 -3.82
CA MET A 137 -8.15 13.68 -4.54
C MET A 137 -9.38 14.59 -4.50
N GLY A 138 -10.58 14.00 -4.61
CA GLY A 138 -11.83 14.70 -4.51
C GLY A 138 -12.20 15.41 -5.78
N MET A 139 -11.18 15.81 -6.54
CA MET A 139 -11.27 16.63 -7.73
C MET A 139 -10.94 15.78 -8.96
N GLU A 140 -11.31 16.30 -10.12
CA GLU A 140 -11.10 15.56 -11.37
C GLU A 140 -9.76 15.91 -11.98
N PHE A 141 -8.99 14.88 -12.33
CA PHE A 141 -7.66 15.03 -12.89
C PHE A 141 -7.70 15.06 -14.41
N SER A 142 -6.67 15.63 -15.02
CA SER A 142 -6.46 15.44 -16.45
C SER A 142 -6.13 13.98 -16.73
N GLU A 143 -6.52 13.51 -17.91
CA GLU A 143 -6.22 12.11 -18.22
C GLU A 143 -4.71 11.86 -18.36
N GLU A 144 -3.92 12.90 -18.61
CA GLU A 144 -2.46 12.72 -18.64
C GLU A 144 -1.90 12.52 -17.24
N LYS A 145 -2.42 13.26 -16.27
CA LYS A 145 -2.01 13.05 -14.88
C LYS A 145 -2.44 11.67 -14.40
N ILE A 146 -3.63 11.24 -14.77
CA ILE A 146 -4.10 9.89 -14.43
C ILE A 146 -3.19 8.85 -15.07
N GLN A 147 -2.87 9.02 -16.35
CA GLN A 147 -1.93 8.12 -17.01
C GLN A 147 -0.63 7.99 -16.21
N TYR A 148 -0.02 9.12 -15.88
CA TYR A 148 1.28 9.09 -15.21
C TYR A 148 1.18 8.43 -13.83
N LEU A 149 0.19 8.82 -13.03
CA LEU A 149 0.05 8.29 -11.69
C LEU A 149 -0.25 6.80 -11.68
N VAL A 150 -1.23 6.37 -12.48
CA VAL A 150 -1.62 4.97 -12.50
C VAL A 150 -0.49 4.11 -13.06
N TYR A 151 0.23 4.64 -14.05
CA TYR A 151 1.40 3.93 -14.55
C TYR A 151 2.40 3.65 -13.42
N GLN A 152 2.69 4.67 -12.59
CA GLN A 152 3.59 4.45 -11.47
C GLN A 152 3.04 3.43 -10.46
N MET A 153 1.74 3.54 -10.16
CA MET A 153 1.11 2.56 -9.27
C MET A 153 1.34 1.14 -9.76
N LEU A 154 1.07 0.92 -11.05
CA LEU A 154 1.14 -0.42 -11.61
C LEU A 154 2.56 -0.94 -11.68
N LYS A 155 3.53 -0.06 -11.89
CA LYS A 155 4.92 -0.50 -11.81
C LYS A 155 5.26 -0.98 -10.40
N GLY A 156 4.90 -0.19 -9.38
CA GLY A 156 5.15 -0.61 -8.02
C GLY A 156 4.46 -1.92 -7.67
N LEU A 157 3.21 -2.07 -8.12
CA LEU A 157 2.48 -3.31 -7.86
C LEU A 157 3.10 -4.49 -8.59
N LYS A 158 3.52 -4.30 -9.85
CA LYS A 158 4.21 -5.38 -10.55
C LYS A 158 5.42 -5.83 -9.77
N TYR A 159 6.17 -4.89 -9.21
CA TYR A 159 7.36 -5.24 -8.46
C TYR A 159 7.02 -6.03 -7.18
N ILE A 160 6.15 -5.49 -6.32
CA ILE A 160 5.88 -6.21 -5.07
C ILE A 160 5.20 -7.54 -5.35
N HIS A 161 4.30 -7.58 -6.34
CA HIS A 161 3.69 -8.85 -6.74
C HIS A 161 4.74 -9.86 -7.19
N SER A 162 5.74 -9.40 -7.94
CA SER A 162 6.81 -10.29 -8.37
C SER A 162 7.66 -10.75 -7.20
N ALA A 163 7.66 -10.03 -6.08
CA ALA A 163 8.27 -10.55 -4.87
C ALA A 163 7.35 -11.46 -4.06
N GLY A 164 6.16 -11.76 -4.57
CA GLY A 164 5.21 -12.57 -3.82
C GLY A 164 4.47 -11.83 -2.71
N VAL A 165 4.40 -10.50 -2.80
CA VAL A 165 3.78 -9.67 -1.78
C VAL A 165 2.63 -8.91 -2.41
N VAL A 166 1.44 -9.06 -1.82
CA VAL A 166 0.28 -8.31 -2.27
C VAL A 166 0.03 -7.19 -1.27
N HIS A 167 -0.67 -6.14 -1.71
CA HIS A 167 -0.97 -5.06 -0.79
C HIS A 167 -2.21 -5.37 0.04
N ARG A 168 -3.35 -5.62 -0.63
CA ARG A 168 -4.63 -6.03 -0.05
C ARG A 168 -5.45 -4.86 0.50
N ASP A 169 -4.82 -3.71 0.72
CA ASP A 169 -5.56 -2.55 1.22
C ASP A 169 -5.09 -1.28 0.52
N LEU A 170 -4.91 -1.37 -0.79
CA LEU A 170 -4.48 -0.20 -1.56
C LEU A 170 -5.61 0.83 -1.60
N LYS A 171 -5.27 2.07 -1.28
CA LYS A 171 -6.23 3.17 -1.25
C LYS A 171 -5.46 4.46 -1.47
N PRO A 172 -6.15 5.56 -1.78
CA PRO A 172 -5.44 6.82 -2.02
C PRO A 172 -4.53 7.25 -0.88
N GLY A 173 -4.93 7.02 0.36
CA GLY A 173 -4.06 7.32 1.49
C GLY A 173 -2.79 6.51 1.55
N ASN A 174 -2.71 5.43 0.77
CA ASN A 174 -1.57 4.54 0.71
C ASN A 174 -0.62 4.86 -0.43
N LEU A 175 -0.91 5.91 -1.21
CA LEU A 175 -0.16 6.26 -2.40
C LEU A 175 0.45 7.64 -2.18
N ALA A 176 1.70 7.67 -1.75
CA ALA A 176 2.38 8.92 -1.47
C ALA A 176 2.87 9.56 -2.76
N VAL A 177 2.79 10.88 -2.82
CA VAL A 177 3.25 11.64 -3.98
C VAL A 177 4.02 12.86 -3.48
N ASN A 178 5.04 13.25 -4.24
CA ASN A 178 5.71 14.51 -3.97
C ASN A 178 5.11 15.60 -4.86
N GLU A 179 5.80 16.74 -4.95
CA GLU A 179 5.25 17.85 -5.72
C GLU A 179 5.29 17.59 -7.22
N ASP A 180 6.18 16.73 -7.70
CA ASP A 180 6.31 16.44 -9.12
C ASP A 180 5.45 15.25 -9.55
N CYS A 181 4.50 14.81 -8.72
CA CYS A 181 3.67 13.65 -8.96
C CYS A 181 4.48 12.35 -9.08
N GLU A 182 5.67 12.32 -8.50
CA GLU A 182 6.36 11.06 -8.32
C GLU A 182 5.72 10.29 -7.18
N LEU A 183 5.44 9.00 -7.42
CA LEU A 183 4.56 8.22 -6.56
C LEU A 183 5.31 7.06 -5.93
N LYS A 184 4.99 6.76 -4.66
CA LYS A 184 5.48 5.58 -3.96
C LYS A 184 4.35 4.91 -3.21
N ILE A 185 4.29 3.58 -3.34
CA ILE A 185 3.30 2.77 -2.64
C ILE A 185 3.72 2.61 -1.19
N LEU A 186 2.78 2.86 -0.27
CA LEU A 186 3.00 2.72 1.16
C LEU A 186 2.24 1.51 1.69
N ASP A 187 2.75 0.97 2.81
CA ASP A 187 1.96 0.06 3.66
C ASP A 187 1.59 -1.24 2.94
N PHE A 188 2.51 -1.74 2.12
CA PHE A 188 2.29 -2.99 1.41
C PHE A 188 2.62 -4.18 2.29
N GLY A 189 1.88 -5.27 2.09
CA GLY A 189 2.22 -6.55 2.69
C GLY A 189 1.94 -6.71 4.16
N LEU A 190 0.96 -6.00 4.71
CA LEU A 190 0.60 -6.15 6.13
C LEU A 190 0.20 -7.59 6.43
N GLY A 200 -12.54 -4.99 10.90
CA GLY A 200 -13.58 -5.09 11.91
C GLY A 200 -14.61 -4.00 11.81
N TYR A 201 -15.55 -3.99 12.76
CA TYR A 201 -16.67 -3.04 12.82
C TYR A 201 -17.23 -2.72 11.44
N VAL A 202 -17.45 -1.43 11.17
CA VAL A 202 -17.85 -1.01 9.83
C VAL A 202 -16.80 -0.01 9.33
N VAL A 203 -15.58 -0.50 9.10
CA VAL A 203 -14.54 0.34 8.51
C VAL A 203 -14.81 0.47 7.02
N THR A 204 -14.42 1.61 6.45
CA THR A 204 -14.62 1.83 5.03
C THR A 204 -13.75 0.87 4.22
N ARG A 205 -14.36 0.28 3.18
CA ARG A 205 -13.69 -0.68 2.32
C ARG A 205 -13.93 -0.35 0.85
N TRP A 206 -13.99 0.94 0.52
CA TRP A 206 -14.40 1.38 -0.80
C TRP A 206 -13.51 0.82 -1.91
N TYR A 207 -12.24 0.52 -1.59
CA TYR A 207 -11.26 0.15 -2.60
C TYR A 207 -10.92 -1.34 -2.56
N ARG A 208 -11.52 -2.11 -1.66
CA ARG A 208 -11.19 -3.51 -1.58
C ARG A 208 -11.94 -4.32 -2.62
N ALA A 209 -11.31 -5.39 -3.08
CA ALA A 209 -11.92 -6.24 -4.09
C ALA A 209 -13.14 -6.97 -3.52
N PRO A 210 -14.14 -7.25 -4.36
CA PRO A 210 -15.33 -7.96 -3.85
C PRO A 210 -15.00 -9.32 -3.26
N GLU A 211 -14.05 -10.05 -3.86
CA GLU A 211 -13.70 -11.37 -3.34
C GLU A 211 -13.07 -11.28 -1.95
N VAL A 212 -12.49 -10.14 -1.58
CA VAL A 212 -11.94 -9.97 -0.24
C VAL A 212 -13.05 -9.65 0.75
N ILE A 213 -13.94 -8.73 0.38
CA ILE A 213 -15.03 -8.34 1.25
C ILE A 213 -15.97 -9.52 1.49
N LEU A 214 -16.33 -10.23 0.42
CA LEU A 214 -17.32 -11.28 0.49
C LEU A 214 -16.74 -12.67 0.65
N SER A 215 -15.41 -12.82 0.57
CA SER A 215 -14.71 -14.10 0.60
C SER A 215 -15.46 -15.20 -0.15
N TRP A 216 -15.96 -14.90 -1.34
CA TRP A 216 -16.80 -15.83 -2.09
C TRP A 216 -16.01 -16.64 -3.12
N MET A 217 -14.72 -16.37 -3.27
CA MET A 217 -13.79 -17.23 -3.98
C MET A 217 -12.39 -16.85 -3.53
N HIS A 218 -11.44 -17.73 -3.79
CA HIS A 218 -10.08 -17.45 -3.37
C HIS A 218 -9.46 -16.40 -4.29
N TYR A 219 -8.66 -15.52 -3.71
CA TYR A 219 -8.14 -14.38 -4.44
C TYR A 219 -6.70 -14.62 -4.87
N ASN A 220 -6.23 -13.76 -5.77
CA ASN A 220 -4.84 -13.77 -6.20
C ASN A 220 -4.34 -12.34 -6.11
N GLN A 221 -3.24 -12.06 -6.81
CA GLN A 221 -2.62 -10.74 -6.72
C GLN A 221 -3.47 -9.64 -7.36
N THR A 222 -4.34 -10.00 -8.30
CA THR A 222 -5.19 -8.99 -8.92
C THR A 222 -6.18 -8.35 -7.95
N VAL A 223 -6.17 -8.75 -6.67
CA VAL A 223 -6.95 -8.00 -5.68
C VAL A 223 -6.51 -6.55 -5.68
N ASP A 224 -5.22 -6.29 -5.91
CA ASP A 224 -4.78 -4.91 -5.91
C ASP A 224 -5.25 -4.18 -7.16
N ILE A 225 -5.46 -4.91 -8.26
CA ILE A 225 -5.83 -4.26 -9.51
C ILE A 225 -7.23 -3.68 -9.43
N TRP A 226 -8.15 -4.41 -8.79
CA TRP A 226 -9.46 -3.84 -8.48
C TRP A 226 -9.30 -2.49 -7.81
N SER A 227 -8.44 -2.42 -6.80
CA SER A 227 -8.23 -1.16 -6.10
C SER A 227 -7.79 -0.07 -7.08
N VAL A 228 -6.85 -0.42 -7.97
CA VAL A 228 -6.37 0.56 -8.96
C VAL A 228 -7.54 1.08 -9.78
N GLY A 229 -8.40 0.16 -10.24
CA GLY A 229 -9.59 0.59 -10.96
C GLY A 229 -10.40 1.58 -10.15
N CYS A 230 -10.69 1.23 -8.90
CA CYS A 230 -11.48 2.11 -8.05
C CYS A 230 -10.83 3.47 -7.92
N ILE A 231 -9.51 3.49 -7.79
CA ILE A 231 -8.83 4.76 -7.63
C ILE A 231 -8.86 5.53 -8.93
N MET A 232 -8.64 4.83 -10.05
CA MET A 232 -8.60 5.51 -11.34
C MET A 232 -9.95 6.12 -11.67
N ALA A 233 -11.02 5.35 -11.49
CA ALA A 233 -12.36 5.89 -11.63
C ALA A 233 -12.53 7.16 -10.81
N GLU A 234 -12.07 7.14 -9.55
CA GLU A 234 -12.25 8.31 -8.70
C GLU A 234 -11.49 9.51 -9.23
N MET A 235 -10.34 9.28 -9.87
CA MET A 235 -9.63 10.39 -10.47
C MET A 235 -10.37 10.92 -11.69
N LEU A 236 -11.02 10.05 -12.44
CA LEU A 236 -11.69 10.49 -13.66
C LEU A 236 -12.94 11.30 -13.35
N THR A 237 -13.60 11.00 -12.23
CA THR A 237 -14.90 11.56 -11.92
C THR A 237 -14.89 12.51 -10.73
N GLY A 238 -13.91 12.41 -9.85
CA GLY A 238 -13.94 13.10 -8.58
C GLY A 238 -14.80 12.47 -7.52
N LYS A 239 -15.50 11.39 -7.84
CA LYS A 239 -16.45 10.76 -6.92
C LYS A 239 -15.98 9.35 -6.60
N THR A 240 -16.03 8.98 -5.33
CA THR A 240 -15.73 7.61 -4.94
C THR A 240 -16.68 6.66 -5.66
N LEU A 241 -16.12 5.61 -6.24
CA LEU A 241 -16.91 4.73 -7.10
C LEU A 241 -17.87 3.90 -6.28
N PHE A 242 -17.38 3.29 -5.19
CA PHE A 242 -18.14 2.32 -4.42
C PHE A 242 -18.16 2.72 -2.96
N LYS A 243 -19.35 2.92 -2.40
CA LYS A 243 -19.48 3.01 -0.96
C LYS A 243 -20.56 2.02 -0.50
N GLY A 244 -21.23 2.32 0.60
CA GLY A 244 -22.23 1.41 1.13
C GLY A 244 -22.07 1.19 2.62
N LYS A 245 -23.19 1.16 3.35
CA LYS A 245 -23.12 1.06 4.80
C LYS A 245 -22.74 -0.34 5.27
N ASP A 246 -23.07 -1.37 4.50
CA ASP A 246 -22.68 -2.74 4.83
C ASP A 246 -22.23 -3.45 3.56
N TYR A 247 -21.74 -4.68 3.73
CA TYR A 247 -21.16 -5.40 2.61
C TYR A 247 -22.21 -5.71 1.54
N LEU A 248 -23.46 -5.93 1.94
CA LEU A 248 -24.50 -6.19 0.94
C LEU A 248 -24.79 -4.93 0.12
N ASP A 249 -24.82 -3.77 0.78
CA ASP A 249 -25.05 -2.53 0.05
C ASP A 249 -23.88 -2.20 -0.87
N GLN A 250 -22.65 -2.44 -0.42
CA GLN A 250 -21.50 -2.23 -1.30
C GLN A 250 -21.55 -3.20 -2.48
N LEU A 251 -21.98 -4.44 -2.25
CA LEU A 251 -22.13 -5.38 -3.35
C LEU A 251 -23.17 -4.89 -4.36
N THR A 252 -24.30 -4.38 -3.87
CA THR A 252 -25.30 -3.83 -4.79
C THR A 252 -24.72 -2.69 -5.62
N GLN A 253 -23.98 -1.78 -4.97
CA GLN A 253 -23.37 -0.68 -5.70
C GLN A 253 -22.35 -1.19 -6.72
N ILE A 254 -21.60 -2.25 -6.37
CA ILE A 254 -20.62 -2.80 -7.29
C ILE A 254 -21.30 -3.43 -8.50
N LEU A 255 -22.37 -4.19 -8.27
CA LEU A 255 -23.08 -4.84 -9.37
C LEU A 255 -23.76 -3.82 -10.28
N LYS A 256 -24.12 -2.65 -9.74
CA LYS A 256 -24.58 -1.57 -10.61
C LYS A 256 -23.60 -1.30 -11.74
N VAL A 257 -22.30 -1.46 -11.49
CA VAL A 257 -21.25 -1.15 -12.45
C VAL A 257 -20.80 -2.38 -13.22
N THR A 258 -20.51 -3.47 -12.53
CA THR A 258 -20.04 -4.68 -13.20
C THR A 258 -21.15 -5.47 -13.86
N GLY A 259 -22.42 -5.15 -13.57
CA GLY A 259 -23.51 -6.00 -13.98
C GLY A 259 -23.54 -7.28 -13.16
N VAL A 260 -24.67 -7.96 -13.15
CA VAL A 260 -24.74 -9.25 -12.45
C VAL A 260 -23.95 -10.28 -13.26
N PRO A 261 -23.04 -11.03 -12.64
CA PRO A 261 -22.16 -11.90 -13.42
C PRO A 261 -22.86 -13.19 -13.86
N GLY A 262 -22.40 -13.70 -15.01
CA GLY A 262 -23.00 -14.86 -15.63
C GLY A 262 -22.50 -16.16 -15.06
N THR A 263 -22.98 -17.26 -15.66
CA THR A 263 -22.81 -18.58 -15.06
C THR A 263 -21.36 -19.02 -15.02
N GLU A 264 -20.51 -18.52 -15.92
CA GLU A 264 -19.09 -18.89 -15.86
C GLU A 264 -18.46 -18.40 -14.56
N PHE A 265 -18.72 -17.14 -14.19
CA PHE A 265 -18.24 -16.63 -12.92
C PHE A 265 -18.93 -17.34 -11.76
N VAL A 266 -20.25 -17.49 -11.85
CA VAL A 266 -21.03 -18.05 -10.75
C VAL A 266 -20.53 -19.44 -10.39
N GLN A 267 -20.11 -20.23 -11.40
CA GLN A 267 -19.62 -21.57 -11.12
C GLN A 267 -18.36 -21.55 -10.27
N LYS A 268 -17.59 -20.47 -10.28
CA LYS A 268 -16.34 -20.41 -9.53
C LYS A 268 -16.53 -20.04 -8.07
N LEU A 269 -17.72 -19.58 -7.67
CA LEU A 269 -17.94 -19.23 -6.28
C LEU A 269 -17.86 -20.46 -5.38
N ASN A 270 -17.17 -20.33 -4.25
CA ASN A 270 -17.16 -21.37 -3.25
C ASN A 270 -18.14 -21.09 -2.12
N ASP A 271 -18.85 -19.96 -2.18
CA ASP A 271 -19.87 -19.59 -1.22
C ASP A 271 -21.22 -19.91 -1.86
N LYS A 272 -21.85 -21.01 -1.42
CA LYS A 272 -23.09 -21.45 -2.05
C LYS A 272 -24.22 -20.45 -1.81
N ALA A 273 -24.27 -19.87 -0.61
CA ALA A 273 -25.31 -18.87 -0.33
C ALA A 273 -25.11 -17.63 -1.18
N ALA A 274 -23.85 -17.19 -1.36
CA ALA A 274 -23.58 -16.07 -2.24
C ALA A 274 -23.95 -16.40 -3.67
N LYS A 275 -23.61 -17.61 -4.13
CA LYS A 275 -23.98 -18.05 -5.46
C LYS A 275 -25.49 -17.99 -5.66
N SER A 276 -26.24 -18.54 -4.70
CA SER A 276 -27.70 -18.51 -4.78
C SER A 276 -28.21 -17.08 -4.81
N TYR A 277 -27.64 -16.21 -3.99
CA TYR A 277 -28.05 -14.80 -3.98
C TYR A 277 -27.85 -14.16 -5.35
N ILE A 278 -26.70 -14.39 -5.97
CA ILE A 278 -26.42 -13.80 -7.27
C ILE A 278 -27.38 -14.35 -8.32
N GLN A 279 -27.56 -15.67 -8.36
CA GLN A 279 -28.45 -16.28 -9.35
C GLN A 279 -29.91 -15.88 -9.17
N SER A 280 -30.28 -15.38 -7.99
CA SER A 280 -31.65 -14.97 -7.72
C SER A 280 -31.90 -13.49 -7.93
N LEU A 281 -30.86 -12.70 -8.19
CA LEU A 281 -31.04 -11.29 -8.47
C LEU A 281 -31.70 -11.08 -9.82
N PRO A 282 -32.28 -9.90 -10.05
CA PRO A 282 -32.58 -9.49 -11.43
C PRO A 282 -31.28 -9.45 -12.22
N GLN A 283 -31.20 -10.24 -13.28
CA GLN A 283 -29.96 -10.43 -14.03
C GLN A 283 -29.73 -9.21 -14.92
N THR A 284 -29.14 -8.17 -14.32
CA THR A 284 -28.88 -6.91 -15.00
C THR A 284 -27.56 -6.97 -15.76
N PRO A 285 -27.58 -6.71 -17.07
CA PRO A 285 -26.33 -6.74 -17.85
C PRO A 285 -25.39 -5.60 -17.47
N ARG A 286 -24.18 -5.68 -18.04
CA ARG A 286 -23.00 -5.04 -17.48
C ARG A 286 -22.82 -3.56 -17.83
N LYS A 287 -22.12 -3.29 -18.93
CA LYS A 287 -21.17 -2.19 -18.97
C LYS A 287 -21.67 -1.04 -19.85
N ASP A 288 -21.17 -0.90 -21.07
CA ASP A 288 -20.94 0.41 -21.67
C ASP A 288 -20.32 1.31 -20.61
N PHE A 289 -19.05 1.04 -20.24
CA PHE A 289 -18.30 1.99 -19.44
C PHE A 289 -18.18 3.34 -20.13
N THR A 290 -18.37 3.38 -21.45
CA THR A 290 -18.57 4.64 -22.16
C THR A 290 -19.79 5.37 -21.63
N GLN A 291 -20.85 4.63 -21.27
CA GLN A 291 -22.03 5.22 -20.68
C GLN A 291 -21.81 5.55 -19.21
N LEU A 292 -21.10 4.68 -18.48
CA LEU A 292 -20.85 4.93 -17.05
C LEU A 292 -19.91 6.11 -16.85
N PHE A 293 -18.83 6.18 -17.64
CA PHE A 293 -17.88 7.27 -17.53
C PHE A 293 -17.93 8.07 -18.83
N PRO A 294 -18.93 8.96 -18.97
CA PRO A 294 -19.19 9.60 -20.26
C PRO A 294 -18.16 10.64 -20.66
N ARG A 295 -17.19 10.96 -19.79
CA ARG A 295 -16.12 11.88 -20.16
C ARG A 295 -14.78 11.19 -20.37
N ALA A 296 -14.67 9.90 -20.10
CA ALA A 296 -13.42 9.19 -20.25
C ALA A 296 -13.16 8.85 -21.71
N SER A 297 -11.87 8.79 -22.06
CA SER A 297 -11.47 8.37 -23.38
C SER A 297 -11.79 6.89 -23.58
N PRO A 298 -11.88 6.44 -24.84
CA PRO A 298 -12.08 5.00 -25.06
C PRO A 298 -11.04 4.13 -24.40
N GLN A 299 -9.76 4.55 -24.43
CA GLN A 299 -8.72 3.73 -23.81
C GLN A 299 -8.85 3.71 -22.29
N ALA A 300 -9.20 4.84 -21.69
CA ALA A 300 -9.43 4.87 -20.24
C ALA A 300 -10.57 3.95 -19.84
N ALA A 301 -11.70 4.05 -20.54
CA ALA A 301 -12.85 3.21 -20.22
C ALA A 301 -12.54 1.73 -20.47
N ASP A 302 -11.78 1.43 -21.51
CA ASP A 302 -11.42 0.04 -21.79
C ASP A 302 -10.55 -0.54 -20.68
N LEU A 303 -9.53 0.21 -20.24
CA LEU A 303 -8.70 -0.24 -19.13
C LEU A 303 -9.52 -0.42 -17.86
N LEU A 304 -10.39 0.55 -17.55
CA LEU A 304 -11.27 0.41 -16.39
C LEU A 304 -12.13 -0.84 -16.49
N GLU A 305 -12.70 -1.09 -17.68
CA GLU A 305 -13.46 -2.32 -17.93
C GLU A 305 -12.66 -3.54 -17.57
N LYS A 306 -11.38 -3.55 -17.93
CA LYS A 306 -10.58 -4.76 -17.70
C LYS A 306 -10.02 -4.87 -16.29
N MET A 307 -10.00 -3.77 -15.52
CA MET A 307 -9.56 -3.87 -14.13
C MET A 307 -10.72 -4.10 -13.17
N LEU A 308 -11.88 -3.49 -13.42
CA LEU A 308 -13.05 -3.68 -12.58
C LEU A 308 -13.84 -4.90 -13.05
N GLU A 309 -13.19 -6.05 -12.93
CA GLU A 309 -13.70 -7.32 -13.41
C GLU A 309 -13.86 -8.24 -12.20
N LEU A 310 -15.07 -8.79 -12.03
CA LEU A 310 -15.33 -9.65 -10.87
C LEU A 310 -14.53 -10.94 -10.94
N ASP A 311 -14.41 -11.52 -12.11
CA ASP A 311 -13.71 -12.79 -12.27
C ASP A 311 -12.22 -12.58 -12.04
N VAL A 312 -11.71 -13.11 -10.92
CA VAL A 312 -10.32 -12.91 -10.55
C VAL A 312 -9.34 -13.56 -11.50
N ASP A 313 -9.81 -14.46 -12.37
CA ASP A 313 -8.95 -15.06 -13.38
C ASP A 313 -8.93 -14.29 -14.68
N LYS A 314 -9.90 -13.40 -14.90
CA LYS A 314 -9.91 -12.54 -16.07
C LYS A 314 -9.43 -11.13 -15.79
N ARG A 315 -9.47 -10.69 -14.53
CA ARG A 315 -8.96 -9.36 -14.19
C ARG A 315 -7.49 -9.24 -14.55
N LEU A 316 -7.11 -8.07 -15.05
CA LEU A 316 -5.74 -7.84 -15.46
C LEU A 316 -4.78 -7.97 -14.29
N THR A 317 -3.60 -8.54 -14.56
CA THR A 317 -2.47 -8.39 -13.66
C THR A 317 -1.83 -7.02 -13.84
N ALA A 318 -0.92 -6.68 -12.92
CA ALA A 318 -0.16 -5.44 -13.07
C ALA A 318 0.64 -5.45 -14.36
N ALA A 319 1.39 -6.53 -14.60
CA ALA A 319 2.21 -6.61 -15.80
C ALA A 319 1.38 -6.48 -17.07
N GLN A 320 0.19 -7.08 -17.09
CA GLN A 320 -0.68 -6.97 -18.27
C GLN A 320 -1.24 -5.57 -18.41
N ALA A 321 -1.63 -4.94 -17.30
CA ALA A 321 -2.16 -3.58 -17.36
C ALA A 321 -1.12 -2.59 -17.84
N LEU A 322 0.16 -2.86 -17.55
CA LEU A 322 1.21 -1.94 -17.97
C LEU A 322 1.34 -1.88 -19.50
N THR A 323 0.92 -2.93 -20.20
CA THR A 323 0.97 -2.97 -21.66
C THR A 323 -0.19 -2.24 -22.31
N HIS A 324 -1.14 -1.72 -21.54
CA HIS A 324 -2.36 -1.19 -22.13
C HIS A 324 -2.11 0.16 -22.83
N PRO A 325 -2.83 0.43 -23.93
CA PRO A 325 -2.64 1.69 -24.68
C PRO A 325 -2.77 2.96 -23.84
N PHE A 326 -3.47 2.88 -22.71
CA PHE A 326 -3.64 4.07 -21.86
C PHE A 326 -2.30 4.62 -21.39
N PHE A 327 -1.26 3.78 -21.34
CA PHE A 327 0.04 4.19 -20.81
C PHE A 327 1.09 4.41 -21.89
N GLU A 328 0.72 4.34 -23.16
CA GLU A 328 1.68 4.52 -24.25
C GLU A 328 2.54 5.78 -24.14
N PRO A 329 2.02 6.95 -23.78
CA PRO A 329 2.90 8.13 -23.71
C PRO A 329 4.00 8.02 -22.68
N PHE A 330 3.84 7.21 -21.64
CA PHE A 330 4.82 7.10 -20.57
C PHE A 330 5.55 5.76 -20.54
N ARG A 331 5.16 4.78 -21.36
CA ARG A 331 5.57 3.41 -21.11
C ARG A 331 7.06 3.23 -21.38
N ASP A 332 7.75 2.63 -20.41
CA ASP A 332 9.17 2.29 -20.55
C ASP A 332 9.37 0.92 -19.94
N PRO A 333 9.40 -0.14 -20.75
CA PRO A 333 9.54 -1.50 -20.20
C PRO A 333 10.76 -1.67 -19.33
N GLU A 334 11.81 -0.88 -19.56
CA GLU A 334 13.01 -0.93 -18.73
C GLU A 334 12.70 -0.57 -17.28
N GLU A 335 11.73 0.32 -17.06
CA GLU A 335 11.34 0.73 -15.72
C GLU A 335 10.43 -0.28 -15.03
N GLU A 336 9.88 -1.24 -15.78
CA GLU A 336 8.91 -2.20 -15.22
C GLU A 336 9.64 -3.43 -14.68
N THR A 337 10.45 -3.18 -13.66
CA THR A 337 11.33 -4.22 -13.12
C THR A 337 10.57 -5.18 -12.23
N GLU A 338 11.18 -6.35 -12.04
CA GLU A 338 10.73 -7.36 -11.08
C GLU A 338 11.75 -7.48 -9.97
N ALA A 339 11.30 -7.98 -8.83
CA ALA A 339 12.22 -8.26 -7.74
C ALA A 339 13.05 -9.48 -8.10
N GLN A 340 14.33 -9.44 -7.77
CA GLN A 340 15.19 -10.57 -8.11
C GLN A 340 14.98 -11.75 -7.16
N GLN A 341 14.54 -11.49 -5.93
CA GLN A 341 14.28 -12.56 -4.98
C GLN A 341 12.90 -12.39 -4.37
N PRO A 342 12.21 -13.48 -4.06
CA PRO A 342 10.93 -13.36 -3.36
C PRO A 342 11.16 -12.83 -1.96
N PHE A 343 10.16 -12.15 -1.42
CA PHE A 343 10.22 -11.79 -0.02
C PHE A 343 10.21 -13.07 0.82
N ASP A 344 11.20 -13.20 1.71
CA ASP A 344 11.49 -14.47 2.35
C ASP A 344 11.72 -14.27 3.85
N ASP A 345 10.63 -14.40 4.60
CA ASP A 345 10.68 -14.47 6.06
C ASP A 345 9.63 -15.52 6.44
N SER A 346 9.93 -16.73 6.92
CA SER A 346 11.15 -17.38 7.49
C SER A 346 10.82 -17.50 8.97
N LEU A 347 10.69 -16.35 9.63
CA LEU A 347 10.15 -16.27 10.98
C LEU A 347 8.70 -15.80 10.98
N GLU A 348 8.07 -15.67 9.80
CA GLU A 348 6.71 -15.14 9.71
C GLU A 348 5.70 -16.01 10.44
N HIS A 349 5.94 -17.31 10.47
CA HIS A 349 5.07 -18.25 11.18
C HIS A 349 5.54 -18.52 12.60
N GLU A 350 6.72 -18.02 12.97
CA GLU A 350 7.30 -18.36 14.26
C GLU A 350 6.56 -17.70 15.40
N LYS A 351 6.49 -18.41 16.53
CA LYS A 351 5.94 -17.88 17.77
C LYS A 351 7.09 -17.86 18.77
N LEU A 352 7.66 -16.68 18.97
CA LEU A 352 8.81 -16.48 19.86
C LEU A 352 8.41 -15.57 21.01
N THR A 353 9.33 -15.41 21.96
CA THR A 353 9.12 -14.46 23.04
C THR A 353 9.42 -13.05 22.57
N VAL A 354 8.90 -12.06 23.32
CA VAL A 354 9.24 -10.67 23.06
C VAL A 354 10.74 -10.47 23.11
N ASP A 355 11.41 -11.15 24.05
CA ASP A 355 12.85 -11.04 24.17
C ASP A 355 13.56 -11.56 22.91
N GLU A 356 13.10 -12.70 22.39
CA GLU A 356 13.70 -13.24 21.18
C GLU A 356 13.45 -12.33 19.98
N TRP A 357 12.23 -11.80 19.85
CA TRP A 357 11.95 -10.85 18.78
C TRP A 357 12.86 -9.63 18.89
N LYS A 358 13.07 -9.11 20.11
CA LYS A 358 14.00 -8.01 20.30
C LYS A 358 15.41 -8.41 19.88
N GLN A 359 15.79 -9.66 20.11
CA GLN A 359 17.11 -10.11 19.68
C GLN A 359 17.24 -10.09 18.17
N HIS A 360 16.22 -10.60 17.47
CA HIS A 360 16.28 -10.63 16.01
C HIS A 360 16.24 -9.22 15.41
N ILE A 361 15.33 -8.38 15.90
CA ILE A 361 15.24 -7.00 15.42
C ILE A 361 16.56 -6.28 15.67
N TYR A 362 17.12 -6.47 16.86
CA TYR A 362 18.41 -5.85 17.19
C TYR A 362 19.50 -6.29 16.22
N LYS A 363 19.55 -7.60 15.92
CA LYS A 363 20.50 -8.10 14.94
C LYS A 363 20.30 -7.43 13.59
N GLU A 364 19.05 -7.37 13.12
CA GLU A 364 18.78 -6.77 11.81
C GLU A 364 19.23 -5.32 11.76
N ILE A 365 18.99 -4.56 12.84
CA ILE A 365 19.42 -3.16 12.86
C ILE A 365 20.94 -3.08 12.81
N VAL A 366 21.62 -3.91 13.60
CA VAL A 366 23.08 -3.89 13.59
C VAL A 366 23.63 -4.20 12.21
N ASN A 367 23.00 -5.15 11.50
CA ASN A 367 23.52 -5.64 10.23
C ASN A 367 23.12 -4.78 9.03
N PHE A 368 22.31 -3.75 9.23
CA PHE A 368 21.87 -2.95 8.09
C PHE A 368 23.04 -2.16 7.48
N SER A 369 22.93 -1.91 6.18
CA SER A 369 23.91 -1.11 5.46
C SER A 369 23.21 -0.26 4.40
N PRO A 370 23.38 1.07 4.43
CA PRO A 370 22.82 1.98 3.44
C PRO A 370 23.72 2.14 2.21
O1 N17 B . 5.11 2.20 4.03
C9 N17 B . 5.23 1.70 5.13
C8 N17 B . 5.20 0.19 5.21
C7 N17 B . 5.73 -0.55 4.17
C6 N17 B . 5.70 -1.93 4.25
C5 N17 B . 5.14 -2.56 5.35
C21 N17 B . 4.65 -0.45 6.31
C4 N17 B . 4.60 -1.86 6.42
N1 N17 B . 4.06 -2.45 7.48
C3 N17 B . 3.55 -1.73 8.48
C22 N17 B . 4.00 -3.78 7.64
N4 N17 B . 3.39 -3.97 8.83
C2 N17 B . 3.12 -2.74 9.33
C1 N17 B . 2.47 -2.24 10.59
N2 N17 B . 5.40 2.41 6.25
C10 N17 B . 5.45 3.77 6.32
C20 N17 B . 4.64 4.59 5.54
C19 N17 B . 4.69 5.98 5.65
C13 N17 B . 5.54 6.57 6.57
C12 N17 B . 6.33 5.77 7.38
C11 N17 B . 6.28 4.38 7.26
O2 N17 B . 5.59 7.93 6.71
C14 N17 B . 6.11 8.77 5.75
C18 N17 B . 7.07 8.33 4.86
C17 N17 B . 7.58 9.21 3.91
N3 N17 B . 7.14 10.49 3.87
C16 N17 B . 6.21 10.94 4.73
C15 N17 B . 5.67 10.09 5.70
#